data_5JZE
#
_entry.id   5JZE
#
_cell.length_a   65.992
_cell.length_b   65.992
_cell.length_c   121.992
_cell.angle_alpha   90.000
_cell.angle_beta   90.000
_cell.angle_gamma   90.000
#
_symmetry.space_group_name_H-M   'P 43'
#
loop_
_entity.id
_entity.type
_entity.pdbx_description
1 polymer 'Ubiquitin-like protein ISG15'
2 polymer 'RNA-dependent RNA polymerase'
3 non-polymer prop-2-en-1-amine
4 non-polymer 'CITRATE ANION'
5 water water
#
loop_
_entity_poly.entity_id
_entity_poly.type
_entity_poly.pdbx_seq_one_letter_code
_entity_poly.pdbx_strand_id
1 'polypeptide(L)' PLSILVRNERGHSNIYEVFLTQTVDTLKKKVSQREQVHEDQFWLSFEGRPMEDKELLGEYGLKPQCTVIKHLRLRG B,D
2 'polypeptide(L)'
;VNRLDAIVWENIEGNLSRAFLTLDLHAFFNVNKEVGDGNCFYRALSRLHSESRTSNEHLYYRLLIPDAVDKYFDIEPEAI
GLGLNKQEYVSKAILDGEWAGSLEASMLSKFLDITIIIWIVDDSGTIISANRYGEGRPSQAYNLCMVGNAHFDSLYIRV
;
A,C
#
# COMPACT_ATOMS: atom_id res chain seq x y z
N PRO A 1 47.12 -1.71 -19.22
CA PRO A 1 46.35 -2.95 -19.40
C PRO A 1 46.19 -3.72 -18.10
N LEU A 2 45.10 -3.42 -17.41
CA LEU A 2 44.81 -3.90 -16.08
C LEU A 2 43.88 -5.12 -16.09
N SER A 3 44.09 -6.06 -15.17
CA SER A 3 43.18 -7.22 -15.05
C SER A 3 42.30 -7.01 -13.85
N ILE A 4 40.99 -7.27 -14.02
CA ILE A 4 40.03 -7.06 -12.94
C ILE A 4 39.01 -8.17 -12.95
N LEU A 5 38.16 -8.21 -11.92
CA LEU A 5 37.04 -9.13 -11.83
C LEU A 5 35.69 -8.44 -12.02
N VAL A 6 34.81 -9.12 -12.72
CA VAL A 6 33.45 -8.64 -12.81
C VAL A 6 32.63 -9.74 -12.22
N ARG A 7 32.01 -9.42 -11.09
CA ARG A 7 31.21 -10.40 -10.38
C ARG A 7 29.87 -10.43 -11.03
N ASN A 8 29.44 -11.62 -11.44
CA ASN A 8 28.19 -11.72 -12.19
C ASN A 8 27.00 -11.74 -11.24
N GLU A 9 25.81 -11.81 -11.83
CA GLU A 9 24.56 -11.85 -11.09
C GLU A 9 24.39 -13.09 -10.21
N ARG A 10 25.19 -14.13 -10.47
CA ARG A 10 25.15 -15.36 -9.64
C ARG A 10 26.21 -15.33 -8.58
N GLY A 11 26.88 -14.20 -8.43
CA GLY A 11 27.95 -14.01 -7.46
C GLY A 11 29.32 -14.57 -7.85
N HIS A 12 29.54 -14.86 -9.14
CA HIS A 12 30.79 -15.48 -9.57
C HIS A 12 31.59 -14.56 -10.48
N SER A 13 32.88 -14.49 -10.22
CA SER A 13 33.75 -13.51 -10.85
C SER A 13 34.42 -14.05 -12.08
N ASN A 14 34.63 -13.16 -13.03
CA ASN A 14 35.26 -13.49 -14.29
C ASN A 14 36.24 -12.38 -14.59
N ILE A 15 37.35 -12.77 -15.21
CA ILE A 15 38.51 -11.90 -15.38
C ILE A 15 38.37 -11.13 -16.69
N TYR A 16 38.47 -9.81 -16.62
CA TYR A 16 38.38 -8.95 -17.81
C TYR A 16 39.61 -8.03 -17.89
N GLU A 17 40.15 -7.81 -19.10
CA GLU A 17 41.26 -6.86 -19.30
C GLU A 17 40.67 -5.50 -19.69
N VAL A 18 41.27 -4.48 -19.13
CA VAL A 18 40.71 -3.14 -19.15
C VAL A 18 41.80 -2.08 -19.30
N PHE A 19 41.48 -1.00 -20.00
CA PHE A 19 42.43 0.10 -20.15
C PHE A 19 41.85 1.32 -19.47
N LEU A 20 42.57 1.82 -18.48
CA LEU A 20 42.21 3.04 -17.76
C LEU A 20 42.00 4.31 -18.62
N THR A 21 42.64 4.41 -19.77
CA THR A 21 42.37 5.53 -20.71
C THR A 21 41.12 5.30 -21.60
N GLN A 22 40.43 4.19 -21.45
CA GLN A 22 39.22 3.91 -22.22
C GLN A 22 37.95 4.07 -21.37
N THR A 23 36.84 4.30 -22.03
CA THR A 23 35.60 4.55 -21.35
C THR A 23 34.99 3.25 -20.87
N VAL A 24 34.02 3.40 -19.96
CA VAL A 24 33.34 2.31 -19.32
C VAL A 24 32.62 1.40 -20.32
N ASP A 25 31.97 1.96 -21.33
CA ASP A 25 31.33 1.13 -22.35
C ASP A 25 32.25 0.09 -23.02
N THR A 26 33.56 0.31 -23.06
CA THR A 26 34.46 -0.73 -23.59
C THR A 26 34.35 -2.05 -22.79
N LEU A 27 34.21 -1.89 -21.48
CA LEU A 27 34.07 -3.02 -20.59
C LEU A 27 32.66 -3.59 -20.66
N LYS A 28 31.67 -2.72 -20.85
CA LYS A 28 30.30 -3.18 -21.06
C LYS A 28 30.25 -4.11 -22.26
N LYS A 29 30.89 -3.71 -23.32
CA LYS A 29 30.90 -4.48 -24.53
C LYS A 29 31.64 -5.80 -24.28
N LYS A 30 32.77 -5.76 -23.58
CA LYS A 30 33.46 -7.02 -23.27
C LYS A 30 32.57 -8.00 -22.47
N VAL A 31 31.91 -7.51 -21.44
CA VAL A 31 31.00 -8.36 -20.63
C VAL A 31 29.81 -8.85 -21.45
N SER A 32 29.26 -7.93 -22.24
CA SER A 32 28.10 -8.23 -23.07
C SER A 32 28.33 -9.39 -24.04
N GLN A 33 29.51 -9.42 -24.64
CA GLN A 33 29.84 -10.45 -25.62
C GLN A 33 30.19 -11.75 -24.95
N ARG A 34 30.89 -11.67 -23.83
CA ARG A 34 31.39 -12.85 -23.23
C ARG A 34 30.30 -13.57 -22.42
N GLU A 35 29.39 -12.80 -21.82
CA GLU A 35 28.35 -13.37 -20.94
C GLU A 35 26.99 -13.40 -21.63
N GLN A 36 27.00 -13.04 -22.92
CA GLN A 36 25.82 -13.14 -23.77
CA GLN A 36 25.83 -13.11 -23.78
C GLN A 36 24.63 -12.36 -23.18
N VAL A 37 24.79 -11.05 -23.00
CA VAL A 37 23.75 -10.21 -22.42
C VAL A 37 23.82 -8.77 -22.99
N HIS A 38 22.70 -8.24 -23.46
CA HIS A 38 22.66 -6.90 -24.05
C HIS A 38 23.09 -5.78 -23.09
N GLU A 39 23.77 -4.81 -23.68
CA GLU A 39 24.37 -3.75 -22.91
C GLU A 39 23.30 -3.01 -22.12
N ASP A 40 22.13 -2.80 -22.68
CA ASP A 40 21.09 -2.03 -21.99
C ASP A 40 20.34 -2.85 -20.90
N GLN A 41 20.75 -4.08 -20.67
CA GLN A 41 20.21 -4.93 -19.59
C GLN A 41 21.10 -5.08 -18.37
N PHE A 42 22.19 -4.34 -18.29
CA PHE A 42 22.98 -4.42 -17.09
C PHE A 42 23.79 -3.16 -16.89
N TRP A 43 24.19 -2.94 -15.65
CA TRP A 43 25.09 -1.86 -15.34
C TRP A 43 26.16 -2.39 -14.38
N LEU A 44 27.17 -1.57 -14.14
CA LEU A 44 28.34 -1.92 -13.40
C LEU A 44 28.51 -0.88 -12.30
N SER A 45 28.95 -1.29 -11.13
CA SER A 45 29.36 -0.38 -10.09
C SER A 45 30.73 -0.79 -9.59
N PHE A 46 31.42 0.12 -8.92
CA PHE A 46 32.68 -0.21 -8.30
C PHE A 46 32.74 0.46 -6.96
N GLU A 47 32.95 -0.33 -5.92
CA GLU A 47 32.90 0.17 -4.55
C GLU A 47 31.65 1.02 -4.30
N GLY A 48 30.52 0.46 -4.70
CA GLY A 48 29.24 1.04 -4.39
C GLY A 48 28.83 2.24 -5.24
N ARG A 49 29.66 2.64 -6.23
CA ARG A 49 29.39 3.77 -7.13
C ARG A 49 29.01 3.35 -8.57
N PRO A 50 27.89 3.86 -9.11
CA PRO A 50 27.55 3.38 -10.43
C PRO A 50 28.55 3.91 -11.46
N MET A 51 29.00 3.03 -12.34
CA MET A 51 29.87 3.38 -13.44
C MET A 51 29.07 3.86 -14.64
N GLU A 52 29.62 4.84 -15.36
CA GLU A 52 28.87 5.46 -16.45
C GLU A 52 29.58 5.38 -17.77
N ASP A 53 28.76 5.05 -18.78
CA ASP A 53 29.23 4.65 -20.12
C ASP A 53 30.37 5.48 -20.72
N LYS A 54 30.27 6.80 -20.65
CA LYS A 54 31.33 7.70 -21.16
C LYS A 54 32.37 8.20 -20.17
N GLU A 55 32.41 7.65 -18.94
CA GLU A 55 33.40 8.02 -17.94
C GLU A 55 34.63 7.19 -18.21
N LEU A 56 35.81 7.74 -18.04
CA LEU A 56 37.02 6.94 -18.19
C LEU A 56 37.13 5.95 -17.01
N LEU A 57 37.51 4.71 -17.32
CA LEU A 57 37.77 3.67 -16.34
C LEU A 57 38.72 4.09 -15.24
N GLY A 58 39.73 4.89 -15.59
CA GLY A 58 40.75 5.32 -14.62
C GLY A 58 40.23 6.24 -13.51
N GLU A 59 39.10 6.90 -13.75
CA GLU A 59 38.55 7.83 -12.76
C GLU A 59 37.93 7.12 -11.56
N TYR A 60 37.75 5.81 -11.63
CA TYR A 60 37.04 5.09 -10.56
C TYR A 60 37.98 4.48 -9.50
N GLY A 61 39.28 4.56 -9.73
CA GLY A 61 40.25 4.06 -8.74
C GLY A 61 40.50 2.55 -8.83
N LEU A 62 40.32 2.03 -10.05
CA LEU A 62 40.51 0.62 -10.35
C LEU A 62 41.99 0.23 -10.12
N LYS A 63 42.20 -1.03 -9.72
CA LYS A 63 43.47 -1.63 -9.33
C LYS A 63 43.56 -3.07 -9.87
N PRO A 64 44.77 -3.62 -10.02
CA PRO A 64 44.84 -5.01 -10.51
C PRO A 64 44.07 -5.92 -9.55
N GLN A 65 43.31 -6.85 -10.09
CA GLN A 65 42.49 -7.78 -9.27
C GLN A 65 41.29 -7.17 -8.50
N CYS A 66 41.03 -5.89 -8.62
CA CYS A 66 39.85 -5.32 -7.96
C CYS A 66 38.58 -5.89 -8.57
N THR A 67 37.46 -5.78 -7.86
CA THR A 67 36.14 -6.34 -8.33
C THR A 67 35.09 -5.32 -8.71
N VAL A 68 34.58 -5.41 -9.94
CA VAL A 68 33.41 -4.62 -10.37
C VAL A 68 32.22 -5.54 -10.25
N ILE A 69 31.10 -4.96 -9.85
CA ILE A 69 29.87 -5.70 -9.74
C ILE A 69 28.94 -5.42 -10.90
N LYS A 70 28.47 -6.50 -11.53
CA LYS A 70 27.46 -6.44 -12.58
C LYS A 70 26.09 -6.45 -11.96
N HIS A 71 25.21 -5.60 -12.45
CA HIS A 71 23.86 -5.49 -11.97
C HIS A 71 22.93 -5.69 -13.14
N LEU A 72 22.14 -6.75 -13.11
CA LEU A 72 21.13 -6.90 -14.13
C LEU A 72 20.02 -5.89 -13.89
N ARG A 73 19.52 -5.36 -14.99
CA ARG A 73 18.32 -4.56 -14.98
C ARG A 73 17.18 -5.54 -14.95
N LEU A 74 16.42 -5.57 -13.85
CA LEU A 74 15.33 -6.52 -13.72
C LEU A 74 14.01 -5.91 -14.16
N ARG A 75 13.36 -6.56 -15.12
CA ARG A 75 12.09 -6.14 -15.67
C ARG A 75 11.21 -7.36 -15.88
N GLY A 76 9.96 -7.27 -15.49
CA GLY A 76 9.06 -8.37 -15.74
C GLY A 76 7.60 -7.93 -15.67
N VAL B 1 10.36 -18.01 7.97
CA VAL B 1 10.16 -16.72 8.73
C VAL B 1 11.34 -16.56 9.68
N ASN B 2 11.31 -17.31 10.76
CA ASN B 2 12.42 -17.32 11.69
C ASN B 2 13.77 -17.28 10.92
N ARG B 3 13.96 -18.17 9.95
CA ARG B 3 15.22 -18.27 9.18
C ARG B 3 15.54 -17.06 8.31
N LEU B 4 14.53 -16.59 7.59
CA LEU B 4 14.71 -15.50 6.66
C LEU B 4 15.08 -14.18 7.35
N ASP B 5 14.59 -13.99 8.55
CA ASP B 5 14.88 -12.80 9.34
C ASP B 5 16.31 -12.82 9.96
N ALA B 6 16.94 -13.99 9.92
CA ALA B 6 18.34 -14.14 10.37
C ALA B 6 19.36 -13.88 9.27
N ILE B 7 18.88 -13.73 8.04
CA ILE B 7 19.73 -13.41 6.92
C ILE B 7 20.32 -12.02 7.18
N VAL B 8 21.64 -11.95 7.07
CA VAL B 8 22.35 -10.69 7.03
C VAL B 8 22.58 -10.39 5.55
N TRP B 9 22.04 -9.27 5.12
CA TRP B 9 22.12 -8.92 3.74
C TRP B 9 23.45 -8.22 3.57
N GLU B 10 23.98 -8.26 2.35
CA GLU B 10 25.18 -7.51 2.05
C GLU B 10 24.81 -6.20 1.37
N ASN B 11 25.28 -5.08 1.91
CA ASN B 11 24.96 -3.82 1.31
C ASN B 11 25.82 -3.60 0.12
N ILE B 12 25.23 -3.00 -0.88
CA ILE B 12 25.86 -2.95 -2.18
C ILE B 12 25.92 -1.50 -2.59
N GLU B 13 24.74 -0.91 -2.70
CA GLU B 13 24.61 0.40 -3.25
C GLU B 13 23.21 0.96 -3.04
N GLY B 14 23.17 2.23 -2.64
CA GLY B 14 21.90 2.87 -2.28
C GLY B 14 21.27 2.03 -1.20
N ASN B 15 19.96 1.78 -1.37
CA ASN B 15 19.19 0.96 -0.41
C ASN B 15 19.10 -0.50 -0.83
N LEU B 16 19.94 -0.88 -1.78
CA LEU B 16 20.02 -2.25 -2.24
C LEU B 16 20.94 -3.12 -1.37
N SER B 17 20.40 -4.19 -0.82
CA SER B 17 21.26 -5.22 -0.24
C SER B 17 20.91 -6.55 -0.91
N ARG B 18 21.81 -7.52 -0.75
CA ARG B 18 21.79 -8.74 -1.54
C ARG B 18 22.14 -9.91 -0.69
N ALA B 19 21.63 -11.09 -1.08
CA ALA B 19 21.97 -12.37 -0.45
C ALA B 19 22.17 -13.44 -1.49
N PHE B 20 23.14 -14.33 -1.26
CA PHE B 20 23.31 -15.56 -2.07
C PHE B 20 23.05 -16.78 -1.21
N LEU B 21 22.08 -17.58 -1.65
CA LEU B 21 21.59 -18.68 -0.86
C LEU B 21 20.69 -19.56 -1.71
N THR B 22 20.52 -20.82 -1.35
CA THR B 22 19.61 -21.68 -2.02
C THR B 22 18.50 -21.97 -1.04
N LEU B 23 17.26 -21.80 -1.47
CA LEU B 23 16.09 -22.17 -0.71
C LEU B 23 15.08 -22.90 -1.56
N ASP B 24 14.37 -23.85 -0.94
CA ASP B 24 13.15 -24.41 -1.52
C ASP B 24 12.06 -23.36 -1.33
N LEU B 25 11.56 -22.83 -2.42
CA LEU B 25 10.57 -21.77 -2.37
C LEU B 25 9.29 -22.17 -1.63
N HIS B 26 8.79 -23.39 -1.86
CA HIS B 26 7.47 -23.78 -1.32
C HIS B 26 7.51 -24.05 0.18
N ALA B 27 8.68 -24.42 0.66
CA ALA B 27 8.93 -24.58 2.10
C ALA B 27 8.82 -23.30 2.88
N PHE B 28 9.20 -22.18 2.25
CA PHE B 28 9.13 -20.85 2.94
C PHE B 28 7.99 -19.92 2.53
N PHE B 29 7.47 -20.05 1.31
CA PHE B 29 6.38 -19.17 0.92
C PHE B 29 5.33 -19.94 0.18
N ASN B 30 4.13 -19.37 0.21
CA ASN B 30 3.09 -19.64 -0.78
C ASN B 30 3.15 -18.60 -1.83
N VAL B 31 2.83 -19.01 -3.04
CA VAL B 31 2.97 -18.19 -4.20
C VAL B 31 1.58 -17.94 -4.69
N ASN B 32 1.24 -16.68 -4.93
CA ASN B 32 0.10 -16.35 -5.79
C ASN B 32 0.63 -15.91 -7.12
N LYS B 33 0.31 -16.74 -8.11
CA LYS B 33 0.70 -16.53 -9.48
C LYS B 33 -0.07 -15.34 -10.05
N GLU B 34 0.67 -14.42 -10.66
CA GLU B 34 0.07 -13.27 -11.33
C GLU B 34 -0.07 -13.52 -12.84
N VAL B 35 -1.04 -12.85 -13.46
CA VAL B 35 -1.29 -13.02 -14.89
C VAL B 35 -0.20 -12.35 -15.73
N GLY B 36 -0.14 -12.76 -16.99
CA GLY B 36 0.88 -12.28 -17.92
C GLY B 36 0.26 -11.16 -18.69
N ASP B 37 0.15 -9.99 -18.05
CA ASP B 37 -0.41 -8.82 -18.73
C ASP B 37 0.50 -7.59 -18.72
N GLY B 38 1.78 -7.78 -18.46
CA GLY B 38 2.74 -6.70 -18.29
C GLY B 38 2.77 -5.96 -16.94
N ASN B 39 1.77 -6.24 -16.11
CA ASN B 39 1.55 -5.52 -14.85
C ASN B 39 1.94 -6.27 -13.59
N CYS B 40 2.45 -7.49 -13.74
CA CYS B 40 2.73 -8.33 -12.54
C CYS B 40 3.39 -7.56 -11.38
N PHE B 41 4.33 -6.67 -11.70
CA PHE B 41 5.08 -5.97 -10.68
C PHE B 41 4.13 -5.22 -9.80
N TYR B 42 3.25 -4.44 -10.45
CA TYR B 42 2.27 -3.56 -9.74
C TYR B 42 1.10 -4.35 -9.18
N ARG B 43 0.66 -5.37 -9.89
CA ARG B 43 -0.28 -6.28 -9.26
C ARG B 43 0.20 -6.87 -7.92
N ALA B 44 1.48 -7.20 -7.84
CA ALA B 44 2.03 -7.84 -6.65
C ALA B 44 2.09 -6.88 -5.50
N LEU B 45 2.50 -5.65 -5.78
CA LEU B 45 2.46 -4.60 -4.76
C LEU B 45 1.05 -4.37 -4.26
N SER B 46 0.08 -4.31 -5.17
CA SER B 46 -1.29 -4.06 -4.77
C SER B 46 -1.72 -5.18 -3.88
N ARG B 47 -1.39 -6.39 -4.30
CA ARG B 47 -1.82 -7.57 -3.57
C ARG B 47 -1.16 -7.66 -2.23
N LEU B 48 0.09 -7.23 -2.16
CA LEU B 48 0.84 -7.41 -0.93
C LEU B 48 0.61 -6.28 0.06
N HIS B 49 -0.02 -5.18 -0.36
CA HIS B 49 -0.09 -4.01 0.54
C HIS B 49 -1.17 -4.12 1.59
N SER B 50 -1.98 -5.17 1.51
CA SER B 50 -3.24 -5.26 2.17
C SER B 50 -3.62 -6.73 2.35
N GLU B 51 -4.26 -7.01 3.50
CA GLU B 51 -4.78 -8.32 3.83
C GLU B 51 -5.90 -8.85 2.94
N SER B 52 -6.58 -7.96 2.23
CA SER B 52 -7.68 -8.43 1.35
C SER B 52 -7.11 -9.10 0.09
N ARG B 53 -5.81 -8.96 -0.13
CA ARG B 53 -5.06 -9.77 -1.08
C ARG B 53 -5.52 -9.73 -2.53
N THR B 54 -5.83 -8.53 -2.98
CA THR B 54 -6.20 -8.30 -4.37
C THR B 54 -5.18 -7.42 -5.15
N SER B 55 -5.13 -7.65 -6.44
CA SER B 55 -4.21 -6.99 -7.32
C SER B 55 -4.89 -5.84 -8.02
N ASN B 56 -6.13 -5.50 -7.66
CA ASN B 56 -6.85 -4.50 -8.47
C ASN B 56 -6.42 -3.05 -8.30
N GLU B 57 -5.46 -2.78 -7.39
CA GLU B 57 -4.90 -1.44 -7.31
C GLU B 57 -3.73 -1.26 -8.24
N HIS B 58 -3.46 -2.24 -9.10
CA HIS B 58 -2.25 -2.21 -9.87
C HIS B 58 -2.09 -0.92 -10.64
N LEU B 59 -3.19 -0.34 -11.13
CA LEU B 59 -3.08 0.92 -11.92
C LEU B 59 -2.59 2.09 -11.06
N TYR B 60 -3.10 2.14 -9.83
CA TYR B 60 -2.76 3.16 -8.88
C TYR B 60 -1.28 3.13 -8.58
N TYR B 61 -0.76 1.93 -8.29
CA TYR B 61 0.68 1.74 -8.01
C TYR B 61 1.50 2.17 -9.21
N ARG B 62 1.04 1.83 -10.39
CA ARG B 62 1.73 2.32 -11.55
C ARG B 62 1.73 3.85 -11.63
N LEU B 63 0.59 4.46 -11.29
CA LEU B 63 0.47 5.93 -11.36
C LEU B 63 1.32 6.72 -10.34
N LEU B 64 1.96 6.02 -9.40
CA LEU B 64 2.95 6.61 -8.46
C LEU B 64 4.27 6.98 -9.09
N ILE B 65 4.55 6.39 -10.25
CA ILE B 65 5.87 6.50 -10.87
C ILE B 65 6.26 7.91 -11.25
N PRO B 66 5.41 8.69 -11.95
CA PRO B 66 5.85 10.07 -12.19
C PRO B 66 6.34 10.80 -10.95
N ASP B 67 5.62 10.69 -9.84
CA ASP B 67 6.01 11.38 -8.60
C ASP B 67 7.28 10.84 -7.96
N ALA B 68 7.47 9.53 -8.06
CA ALA B 68 8.69 8.94 -7.53
C ALA B 68 9.89 9.37 -8.35
N VAL B 69 9.72 9.45 -9.66
CA VAL B 69 10.72 9.98 -10.57
C VAL B 69 11.17 11.41 -10.20
N ASP B 70 10.21 12.28 -9.96
CA ASP B 70 10.52 13.66 -9.57
C ASP B 70 11.44 13.66 -8.37
N LYS B 71 11.12 12.81 -7.42
CA LYS B 71 11.88 12.75 -6.18
C LYS B 71 13.25 12.05 -6.35
N TYR B 72 13.33 10.98 -7.14
CA TYR B 72 14.47 10.05 -6.99
C TYR B 72 15.27 9.72 -8.25
N PHE B 73 14.68 9.85 -9.43
CA PHE B 73 15.35 9.28 -10.61
C PHE B 73 16.76 9.85 -10.82
N ASP B 74 16.92 11.14 -10.51
CA ASP B 74 18.21 11.84 -10.69
C ASP B 74 19.29 11.17 -9.86
N ILE B 75 18.89 10.41 -8.84
CA ILE B 75 19.86 9.81 -7.93
C ILE B 75 19.84 8.27 -7.86
N GLU B 76 19.04 7.60 -8.73
CA GLU B 76 18.92 6.13 -8.72
C GLU B 76 20.09 5.48 -9.45
N PRO B 77 20.92 4.72 -8.72
CA PRO B 77 22.11 4.10 -9.29
C PRO B 77 21.83 3.35 -10.55
N GLU B 78 20.68 2.67 -10.62
CA GLU B 78 20.35 1.93 -11.87
C GLU B 78 20.10 2.86 -13.08
N ALA B 79 19.39 3.96 -12.85
CA ALA B 79 19.11 4.90 -13.90
C ALA B 79 20.40 5.57 -14.36
N ILE B 80 21.20 5.93 -13.38
CA ILE B 80 22.49 6.51 -13.66
C ILE B 80 23.36 5.48 -14.39
N GLY B 81 23.47 4.29 -13.82
CA GLY B 81 24.22 3.21 -14.44
C GLY B 81 23.88 2.97 -15.90
N LEU B 82 22.61 3.01 -16.26
CA LEU B 82 22.16 2.67 -17.62
C LEU B 82 22.05 3.88 -18.50
N GLY B 83 22.31 5.05 -17.90
CA GLY B 83 22.21 6.29 -18.58
C GLY B 83 20.86 6.52 -19.17
N LEU B 84 19.80 6.25 -18.43
CA LEU B 84 18.44 6.46 -18.95
C LEU B 84 18.01 7.90 -18.96
N ASN B 85 17.32 8.27 -20.03
CA ASN B 85 16.66 9.58 -20.13
C ASN B 85 15.41 9.61 -19.28
N LYS B 86 15.32 10.59 -18.36
CA LYS B 86 14.15 10.77 -17.48
C LYS B 86 12.81 10.83 -18.22
N GLN B 87 12.68 11.76 -19.16
CA GLN B 87 11.43 11.93 -19.90
C GLN B 87 11.08 10.68 -20.72
N GLU B 88 12.06 10.07 -21.36
CA GLU B 88 11.81 8.80 -22.05
C GLU B 88 11.25 7.75 -21.14
N TYR B 89 11.89 7.61 -19.98
CA TYR B 89 11.56 6.60 -19.01
C TYR B 89 10.19 6.82 -18.42
N VAL B 90 9.88 8.04 -17.97
CA VAL B 90 8.53 8.31 -17.36
C VAL B 90 7.36 8.04 -18.30
N SER B 91 7.55 8.35 -19.58
CA SER B 91 6.48 8.21 -20.57
C SER B 91 6.14 6.72 -20.84
N LYS B 92 7.16 5.90 -21.00
CA LYS B 92 7.01 4.46 -21.11
C LYS B 92 6.46 3.82 -19.82
N ALA B 93 7.02 4.18 -18.68
CA ALA B 93 6.69 3.50 -17.45
C ALA B 93 5.23 3.58 -17.04
N ILE B 94 4.53 4.61 -17.49
CA ILE B 94 3.10 4.74 -17.13
C ILE B 94 2.14 3.95 -18.04
N LEU B 95 2.61 3.42 -19.17
CA LEU B 95 1.74 2.71 -20.12
C LEU B 95 1.26 1.40 -19.54
N ASP B 96 0.02 1.02 -19.81
CA ASP B 96 -0.41 -0.33 -19.44
C ASP B 96 0.51 -1.39 -20.06
N GLY B 97 0.80 -2.41 -19.27
CA GLY B 97 1.61 -3.55 -19.73
C GLY B 97 3.11 -3.33 -19.88
N GLU B 98 3.63 -2.20 -19.45
CA GLU B 98 5.06 -1.98 -19.57
C GLU B 98 5.79 -2.69 -18.39
N TRP B 99 6.77 -3.53 -18.67
CA TRP B 99 7.42 -4.25 -17.57
C TRP B 99 8.17 -3.36 -16.60
N ALA B 100 8.34 -3.86 -15.38
CA ALA B 100 9.08 -3.18 -14.37
C ALA B 100 9.78 -4.15 -13.44
N GLY B 101 10.58 -3.60 -12.54
CA GLY B 101 11.33 -4.41 -11.60
C GLY B 101 12.26 -3.65 -10.70
N SER B 102 13.54 -3.79 -10.92
CA SER B 102 14.55 -3.38 -9.96
C SER B 102 14.54 -1.86 -9.74
N LEU B 103 14.33 -1.08 -10.80
CA LEU B 103 14.39 0.38 -10.69
C LEU B 103 13.17 0.89 -9.96
N GLU B 104 12.01 0.44 -10.36
CA GLU B 104 10.81 0.82 -9.66
C GLU B 104 10.72 0.27 -8.20
N ALA B 105 11.35 -0.86 -7.92
CA ALA B 105 11.44 -1.34 -6.52
C ALA B 105 12.27 -0.36 -5.70
N SER B 106 13.37 0.10 -6.29
CA SER B 106 14.27 1.05 -5.63
C SER B 106 13.53 2.37 -5.38
N MET B 107 12.90 2.93 -6.39
CA MET B 107 12.14 4.20 -6.18
C MET B 107 10.99 4.10 -5.17
N LEU B 108 10.18 3.04 -5.31
CA LEU B 108 8.93 2.92 -4.53
C LEU B 108 9.14 2.46 -3.10
N SER B 109 10.11 1.55 -2.88
CA SER B 109 10.55 1.24 -1.55
C SER B 109 10.69 2.56 -0.78
N LYS B 110 11.46 3.48 -1.31
CA LYS B 110 11.65 4.79 -0.67
C LYS B 110 10.36 5.60 -0.62
N PHE B 111 9.70 5.75 -1.77
CA PHE B 111 8.52 6.63 -1.88
C PHE B 111 7.41 6.32 -0.87
N LEU B 112 7.17 5.03 -0.63
CA LEU B 112 6.12 4.52 0.26
C LEU B 112 6.63 4.13 1.62
N ASP B 113 7.95 4.14 1.80
CA ASP B 113 8.57 3.73 3.05
C ASP B 113 8.21 2.26 3.26
N ILE B 114 8.56 1.40 2.30
CA ILE B 114 8.40 -0.05 2.47
C ILE B 114 9.68 -0.73 2.01
N THR B 115 9.73 -2.04 2.27
CA THR B 115 10.83 -2.89 1.84
C THR B 115 10.30 -3.88 0.84
N ILE B 116 10.95 -3.92 -0.31
CA ILE B 116 10.58 -4.84 -1.41
C ILE B 116 11.75 -5.77 -1.70
N ILE B 117 11.49 -7.07 -1.72
CA ILE B 117 12.51 -8.05 -2.01
C ILE B 117 12.09 -8.84 -3.23
N ILE B 118 12.99 -8.86 -4.21
CA ILE B 118 12.84 -9.68 -5.39
C ILE B 118 13.76 -10.91 -5.20
N TRP B 119 13.10 -12.07 -5.11
CA TRP B 119 13.78 -13.33 -4.91
C TRP B 119 13.89 -13.98 -6.26
N ILE B 120 15.10 -14.43 -6.57
CA ILE B 120 15.41 -14.87 -7.90
C ILE B 120 15.43 -16.38 -7.86
N VAL B 121 14.74 -17.00 -8.81
CA VAL B 121 14.53 -18.44 -8.82
C VAL B 121 15.12 -19.03 -10.10
N ASP B 122 15.87 -20.13 -9.97
CA ASP B 122 16.51 -20.74 -11.15
C ASP B 122 15.46 -21.55 -11.91
N ASP B 123 15.89 -22.25 -12.96
CA ASP B 123 14.97 -23.06 -13.80
C ASP B 123 14.14 -24.06 -13.00
N SER B 124 14.71 -24.60 -11.93
CA SER B 124 14.07 -25.63 -11.12
C SER B 124 13.22 -25.09 -9.98
N GLY B 125 13.05 -23.79 -9.88
CA GLY B 125 12.23 -23.26 -8.79
C GLY B 125 12.94 -23.12 -7.45
N THR B 126 14.26 -23.15 -7.47
CA THR B 126 15.04 -22.93 -6.27
C THR B 126 15.51 -21.50 -6.23
N ILE B 127 15.27 -20.86 -5.10
CA ILE B 127 15.73 -19.50 -4.90
C ILE B 127 17.24 -19.57 -4.87
N ILE B 128 17.86 -18.75 -5.72
CA ILE B 128 19.32 -18.70 -5.81
C ILE B 128 19.96 -17.36 -5.39
N SER B 129 19.14 -16.32 -5.24
CA SER B 129 19.61 -15.04 -4.71
C SER B 129 18.42 -14.14 -4.49
N ALA B 130 18.67 -12.99 -3.87
CA ALA B 130 17.63 -12.04 -3.69
C ALA B 130 18.20 -10.63 -3.66
N ASN B 131 17.40 -9.68 -4.12
CA ASN B 131 17.68 -8.27 -3.97
C ASN B 131 16.67 -7.62 -3.04
N ARG B 132 17.15 -6.96 -2.01
CA ARG B 132 16.28 -6.32 -1.06
C ARG B 132 16.42 -4.84 -1.24
N TYR B 133 15.31 -4.14 -1.42
CA TYR B 133 15.29 -2.72 -1.54
C TYR B 133 14.68 -2.20 -0.27
N GLY B 134 15.51 -1.78 0.66
CA GLY B 134 15.00 -1.26 1.94
C GLY B 134 15.65 -1.92 3.14
N GLU B 135 15.24 -1.47 4.31
CA GLU B 135 15.90 -1.84 5.53
C GLU B 135 15.08 -2.81 6.38
N GLY B 136 13.87 -3.14 5.94
CA GLY B 136 13.00 -4.05 6.68
C GLY B 136 13.40 -5.51 6.57
N ARG B 137 12.88 -6.34 7.47
N ARG B 137 12.87 -6.33 7.46
CA ARG B 137 13.10 -7.79 7.44
CA ARG B 137 13.05 -7.78 7.40
C ARG B 137 12.11 -8.42 6.44
C ARG B 137 12.10 -8.40 6.38
N PRO B 138 12.45 -9.60 5.87
CA PRO B 138 11.57 -10.31 4.93
C PRO B 138 10.15 -10.59 5.47
N SER B 139 10.01 -10.83 6.76
CA SER B 139 8.68 -11.13 7.33
C SER B 139 7.75 -9.93 7.26
N GLN B 140 8.34 -8.73 7.14
CA GLN B 140 7.61 -7.49 6.98
C GLN B 140 7.68 -6.98 5.53
N ALA B 141 8.38 -7.65 4.64
CA ALA B 141 8.65 -7.06 3.33
C ALA B 141 7.57 -7.37 2.27
N TYR B 142 7.60 -6.69 1.16
CA TYR B 142 6.78 -7.08 0.02
C TYR B 142 7.62 -8.08 -0.76
N ASN B 143 7.38 -9.37 -0.58
CA ASN B 143 8.18 -10.42 -1.28
C ASN B 143 7.65 -10.85 -2.64
N LEU B 144 8.49 -10.79 -3.67
CA LEU B 144 8.09 -11.12 -5.06
C LEU B 144 8.99 -12.25 -5.56
N CYS B 145 8.45 -13.10 -6.43
CA CYS B 145 9.24 -14.16 -7.02
C CYS B 145 9.54 -13.76 -8.44
N MET B 146 10.80 -13.82 -8.84
CA MET B 146 11.14 -13.52 -10.23
C MET B 146 11.42 -14.79 -11.03
N VAL B 147 10.65 -14.92 -12.10
CA VAL B 147 10.57 -16.16 -12.84
C VAL B 147 11.03 -15.95 -14.27
N GLY B 148 11.99 -16.77 -14.70
CA GLY B 148 12.49 -16.76 -16.10
C GLY B 148 12.96 -15.39 -16.56
N ASN B 149 13.47 -14.61 -15.61
CA ASN B 149 13.93 -13.23 -15.82
C ASN B 149 12.96 -12.37 -16.59
N ALA B 150 11.66 -12.63 -16.47
CA ALA B 150 10.63 -12.00 -17.29
C ALA B 150 9.26 -11.80 -16.63
N HIS B 151 9.10 -12.23 -15.38
CA HIS B 151 7.80 -12.21 -14.71
C HIS B 151 7.96 -12.26 -13.18
N PHE B 152 7.02 -11.69 -12.45
CA PHE B 152 6.99 -11.82 -10.98
C PHE B 152 5.65 -12.36 -10.51
N ASP B 153 5.74 -13.20 -9.49
CA ASP B 153 4.61 -13.61 -8.71
C ASP B 153 4.78 -13.08 -7.32
N SER B 154 3.69 -13.13 -6.56
CA SER B 154 3.65 -12.60 -5.20
C SER B 154 3.97 -13.75 -4.30
N LEU B 155 4.77 -13.51 -3.27
CA LEU B 155 5.01 -14.47 -2.22
C LEU B 155 4.35 -14.07 -0.89
N TYR B 156 3.57 -14.99 -0.31
CA TYR B 156 3.14 -14.88 1.09
C TYR B 156 4.03 -15.72 1.98
N ILE B 157 4.62 -15.10 2.98
CA ILE B 157 5.55 -15.80 3.85
C ILE B 157 4.78 -16.82 4.71
N ARG B 158 5.31 -18.03 4.81
CA ARG B 158 4.57 -19.18 5.35
C ARG B 158 4.69 -19.29 6.86
N VAL B 159 3.70 -19.92 7.48
CA VAL B 159 3.65 -20.05 8.96
C VAL B 159 3.17 -21.43 9.42
N PRO C 1 -14.13 -24.45 20.51
CA PRO C 1 -13.02 -23.47 20.59
C PRO C 1 -12.40 -23.22 19.23
N LEU C 2 -12.86 -22.16 18.61
CA LEU C 2 -12.47 -21.76 17.29
C LEU C 2 -11.51 -20.57 17.28
N SER C 3 -10.49 -20.63 16.43
CA SER C 3 -9.52 -19.55 16.28
C SER C 3 -9.81 -18.77 15.02
N ILE C 4 -9.90 -17.44 15.12
CA ILE C 4 -10.31 -16.59 14.00
C ILE C 4 -9.48 -15.32 14.01
N LEU C 5 -9.61 -14.52 12.96
CA LEU C 5 -8.96 -13.21 12.90
C LEU C 5 -9.93 -12.03 12.92
N VAL C 6 -9.48 -10.95 13.56
CA VAL C 6 -10.24 -9.74 13.58
C VAL C 6 -9.35 -8.68 12.97
N ARG C 7 -9.77 -8.18 11.82
CA ARG C 7 -8.99 -7.17 11.14
C ARG C 7 -9.29 -5.85 11.76
N ASN C 8 -8.25 -5.13 12.20
CA ASN C 8 -8.41 -3.86 12.87
C ASN C 8 -8.57 -2.70 11.88
N GLU C 9 -8.73 -1.51 12.42
CA GLU C 9 -8.97 -0.31 11.66
C GLU C 9 -7.80 0.11 10.80
N ARG C 10 -6.60 -0.38 11.14
CA ARG C 10 -5.43 -0.12 10.31
C ARG C 10 -5.25 -1.21 9.25
N GLY C 11 -6.16 -2.18 9.29
CA GLY C 11 -6.19 -3.27 8.33
C GLY C 11 -5.27 -4.42 8.69
N HIS C 12 -4.94 -4.55 9.99
CA HIS C 12 -4.09 -5.63 10.51
C HIS C 12 -4.85 -6.63 11.40
N SER C 13 -4.67 -7.90 11.10
CA SER C 13 -5.40 -8.97 11.76
C SER C 13 -4.70 -9.40 13.04
N ASN C 14 -5.49 -9.69 14.05
CA ASN C 14 -4.99 -10.28 15.26
C ASN C 14 -5.91 -11.44 15.54
N ILE C 15 -5.36 -12.44 16.25
CA ILE C 15 -5.99 -13.73 16.49
C ILE C 15 -6.84 -13.71 17.77
N TYR C 16 -8.03 -14.31 17.70
CA TYR C 16 -8.95 -14.37 18.82
C TYR C 16 -9.54 -15.76 18.87
N GLU C 17 -9.69 -16.32 20.07
CA GLU C 17 -10.39 -17.59 20.28
C GLU C 17 -11.85 -17.26 20.59
N VAL C 18 -12.75 -18.06 20.05
CA VAL C 18 -14.16 -17.76 20.07
C VAL C 18 -15.00 -19.02 20.19
N PHE C 19 -16.17 -18.93 20.81
CA PHE C 19 -17.02 -20.11 21.03
C PHE C 19 -18.30 -19.96 20.25
N LEU C 20 -18.49 -20.78 19.23
CA LEU C 20 -19.73 -20.79 18.47
C LEU C 20 -21.03 -20.77 19.29
N THR C 21 -21.05 -21.36 20.48
CA THR C 21 -22.25 -21.35 21.36
C THR C 21 -22.35 -20.10 22.25
N GLN C 22 -21.58 -19.07 21.98
CA GLN C 22 -21.64 -17.85 22.76
C GLN C 22 -21.94 -16.66 21.89
N THR C 23 -22.44 -15.63 22.54
CA THR C 23 -22.91 -14.45 21.86
C THR C 23 -21.71 -13.57 21.41
N VAL C 24 -21.96 -12.81 20.34
CA VAL C 24 -21.04 -11.88 19.70
C VAL C 24 -20.39 -10.95 20.69
N ASP C 25 -21.17 -10.61 21.70
CA ASP C 25 -20.75 -9.86 22.89
C ASP C 25 -19.40 -10.23 23.47
N THR C 26 -19.19 -11.54 23.60
CA THR C 26 -18.01 -12.10 24.21
C THR C 26 -16.80 -11.77 23.38
N LEU C 27 -16.97 -11.78 22.06
CA LEU C 27 -15.87 -11.47 21.17
C LEU C 27 -15.67 -9.97 21.26
N LYS C 28 -16.76 -9.26 21.46
CA LYS C 28 -16.65 -7.85 21.57
C LYS C 28 -15.82 -7.44 22.71
N LYS C 29 -16.01 -8.02 23.87
CA LYS C 29 -15.26 -7.55 24.99
C LYS C 29 -13.83 -8.10 24.93
N LYS C 30 -13.64 -9.23 24.26
CA LYS C 30 -12.25 -9.70 24.03
C LYS C 30 -11.45 -8.66 23.22
N VAL C 31 -12.07 -8.07 22.22
CA VAL C 31 -11.42 -7.06 21.36
C VAL C 31 -11.19 -5.74 22.11
N SER C 32 -12.24 -5.34 22.83
CA SER C 32 -12.21 -4.18 23.70
C SER C 32 -11.06 -4.18 24.74
N GLN C 33 -10.89 -5.31 25.40
CA GLN C 33 -9.81 -5.48 26.39
C GLN C 33 -8.46 -5.56 25.75
N ARG C 34 -8.30 -6.26 24.66
CA ARG C 34 -6.99 -6.36 24.07
C ARG C 34 -6.61 -5.21 23.18
N GLU C 35 -7.57 -4.46 22.68
CA GLU C 35 -7.22 -3.38 21.77
C GLU C 35 -7.52 -2.02 22.37
N GLN C 36 -7.95 -2.02 23.64
CA GLN C 36 -8.19 -0.79 24.42
C GLN C 36 -9.20 0.15 23.71
N VAL C 37 -10.37 -0.39 23.42
CA VAL C 37 -11.45 0.38 22.84
C VAL C 37 -12.76 0.01 23.53
N HIS C 38 -13.55 1.01 23.90
CA HIS C 38 -14.86 0.73 24.47
C HIS C 38 -15.77 0.02 23.46
N GLU C 39 -16.63 -0.81 24.01
CA GLU C 39 -17.43 -1.69 23.20
C GLU C 39 -18.40 -0.89 22.33
N ASP C 40 -18.90 0.22 22.85
CA ASP C 40 -19.86 1.04 22.10
C ASP C 40 -19.19 1.96 21.04
N GLN C 41 -17.88 1.84 20.86
CA GLN C 41 -17.14 2.55 19.81
C GLN C 41 -16.76 1.66 18.62
N PHE C 42 -17.26 0.45 18.55
CA PHE C 42 -16.94 -0.34 17.37
C PHE C 42 -17.95 -1.44 17.17
N TRP C 43 -17.94 -2.00 15.96
CA TRP C 43 -18.80 -3.10 15.65
C TRP C 43 -18.08 -4.02 14.68
N LEU C 44 -18.63 -5.21 14.52
CA LEU C 44 -18.01 -6.28 13.79
C LEU C 44 -18.97 -6.76 12.71
N SER C 45 -18.41 -7.08 11.54
CA SER C 45 -19.13 -7.70 10.46
C SER C 45 -18.40 -8.95 10.00
N PHE C 46 -19.14 -9.86 9.41
CA PHE C 46 -18.55 -11.03 8.80
C PHE C 46 -19.21 -11.25 7.47
N GLU C 47 -18.38 -11.28 6.44
CA GLU C 47 -18.84 -11.41 5.06
C GLU C 47 -19.88 -10.34 4.72
N GLY C 48 -19.55 -9.12 5.14
CA GLY C 48 -20.42 -7.99 4.96
C GLY C 48 -21.75 -8.04 5.71
N ARG C 49 -21.88 -8.92 6.71
CA ARG C 49 -23.09 -8.95 7.54
C ARG C 49 -22.82 -8.38 8.92
N PRO C 50 -23.56 -7.36 9.32
CA PRO C 50 -23.28 -6.88 10.66
C PRO C 50 -23.63 -7.92 11.72
N MET C 51 -22.74 -8.04 12.69
CA MET C 51 -22.86 -8.96 13.80
C MET C 51 -23.49 -8.23 14.96
N GLU C 52 -24.37 -8.92 15.69
CA GLU C 52 -25.18 -8.31 16.72
C GLU C 52 -24.98 -8.98 18.07
N ASP C 53 -24.87 -8.11 19.08
CA ASP C 53 -24.42 -8.46 20.43
C ASP C 53 -25.01 -9.77 21.04
N LYS C 54 -26.32 -9.99 20.90
CA LYS C 54 -27.00 -11.17 21.52
C LYS C 54 -27.22 -12.39 20.60
N GLU C 55 -26.55 -12.36 19.45
CA GLU C 55 -26.76 -13.27 18.35
C GLU C 55 -25.65 -14.27 18.58
N LEU C 56 -25.88 -15.55 18.39
CA LEU C 56 -24.80 -16.53 18.61
C LEU C 56 -23.80 -16.51 17.44
N LEU C 57 -22.53 -16.54 17.78
CA LEU C 57 -21.44 -16.52 16.82
C LEU C 57 -21.55 -17.63 15.78
N GLY C 58 -21.99 -18.81 16.21
CA GLY C 58 -22.25 -19.95 15.32
C GLY C 58 -23.14 -19.63 14.13
N GLU C 59 -24.08 -18.71 14.31
CA GLU C 59 -25.05 -18.42 13.25
C GLU C 59 -24.44 -17.72 12.02
N TYR C 60 -23.24 -17.16 12.12
CA TYR C 60 -22.70 -16.32 11.06
C TYR C 60 -21.85 -17.11 10.09
N GLY C 61 -21.60 -18.37 10.42
CA GLY C 61 -20.91 -19.27 9.50
C GLY C 61 -19.40 -19.20 9.63
N LEU C 62 -18.94 -18.86 10.83
CA LEU C 62 -17.52 -18.75 11.11
C LEU C 62 -16.81 -20.11 10.92
N LYS C 63 -15.58 -20.06 10.41
CA LYS C 63 -14.73 -21.20 10.08
C LYS C 63 -13.30 -20.89 10.60
N PRO C 64 -12.52 -21.92 10.96
CA PRO C 64 -11.19 -21.60 11.47
C PRO C 64 -10.42 -20.68 10.54
N GLN C 65 -9.59 -19.83 11.14
CA GLN C 65 -8.88 -18.69 10.49
C GLN C 65 -9.68 -17.76 9.58
N CYS C 66 -10.99 -17.73 9.70
CA CYS C 66 -11.78 -16.80 8.89
C CYS C 66 -11.61 -15.41 9.47
N THR C 67 -12.05 -14.39 8.74
CA THR C 67 -11.76 -12.99 9.11
C THR C 67 -12.99 -12.16 9.41
N VAL C 68 -13.09 -11.70 10.65
CA VAL C 68 -14.08 -10.72 11.06
C VAL C 68 -13.48 -9.32 10.92
N ILE C 69 -14.25 -8.36 10.38
CA ILE C 69 -13.80 -6.98 10.26
C ILE C 69 -14.29 -6.14 11.43
N LYS C 70 -13.37 -5.41 12.05
CA LYS C 70 -13.68 -4.40 13.06
C LYS C 70 -13.97 -3.07 12.40
N HIS C 71 -15.09 -2.45 12.76
CA HIS C 71 -15.46 -1.14 12.22
C HIS C 71 -15.51 -0.16 13.37
N LEU C 72 -14.66 0.84 13.33
CA LEU C 72 -14.74 1.87 14.34
C LEU C 72 -15.95 2.70 14.06
N ARG C 73 -16.55 3.15 15.13
CA ARG C 73 -17.62 4.09 15.09
C ARG C 73 -17.04 5.47 15.02
N LEU C 74 -17.14 6.12 13.87
CA LEU C 74 -16.51 7.41 13.76
C LEU C 74 -17.38 8.59 14.10
N ARG C 75 -16.85 9.40 15.02
CA ARG C 75 -17.57 10.54 15.53
C ARG C 75 -16.62 11.69 15.78
N GLY C 76 -17.03 12.89 15.37
CA GLY C 76 -16.25 14.10 15.70
C GLY C 76 -17.09 15.35 15.60
N VAL D 1 -5.46 13.68 -14.52
CA VAL D 1 -5.40 12.19 -14.38
C VAL D 1 -5.13 11.86 -12.90
N ASN D 2 -5.98 12.40 -12.03
CA ASN D 2 -5.74 12.39 -10.59
C ASN D 2 -5.53 10.98 -10.02
N ARG D 3 -4.41 10.77 -9.31
CA ARG D 3 -4.13 9.50 -8.65
C ARG D 3 -5.28 9.05 -7.77
N LEU D 4 -6.00 10.00 -7.19
CA LEU D 4 -7.09 9.66 -6.26
C LEU D 4 -8.26 8.95 -6.92
N ASP D 5 -8.61 9.38 -8.13
CA ASP D 5 -9.63 8.73 -8.95
C ASP D 5 -9.25 7.34 -9.49
N ALA D 6 -7.97 7.01 -9.43
CA ALA D 6 -7.49 5.69 -9.87
C ALA D 6 -7.64 4.61 -8.79
N ILE D 7 -7.84 5.04 -7.55
CA ILE D 7 -8.10 4.12 -6.46
C ILE D 7 -9.31 3.22 -6.79
N VAL D 8 -9.13 1.91 -6.64
CA VAL D 8 -10.29 1.03 -6.62
C VAL D 8 -10.55 0.72 -5.16
N TRP D 9 -11.76 0.92 -4.70
CA TRP D 9 -11.99 0.81 -3.27
C TRP D 9 -12.30 -0.65 -2.96
N GLU D 10 -12.09 -1.08 -1.71
CA GLU D 10 -12.49 -2.44 -1.25
C GLU D 10 -13.90 -2.33 -0.66
N ASN D 11 -14.90 -2.94 -1.31
CA ASN D 11 -16.29 -2.80 -0.84
C ASN D 11 -16.50 -3.69 0.37
N ILE D 12 -17.03 -3.12 1.43
CA ILE D 12 -17.02 -3.84 2.68
C ILE D 12 -18.43 -4.20 3.10
N GLU D 13 -19.32 -3.22 3.07
CA GLU D 13 -20.68 -3.37 3.55
C GLU D 13 -21.51 -2.16 3.19
N GLY D 14 -22.78 -2.37 2.90
CA GLY D 14 -23.66 -1.27 2.52
C GLY D 14 -23.06 -0.53 1.35
N ASN D 15 -23.07 0.80 1.46
CA ASN D 15 -22.44 1.64 0.46
C ASN D 15 -21.04 2.06 0.92
N LEU D 16 -20.52 1.37 1.93
CA LEU D 16 -19.19 1.66 2.47
C LEU D 16 -18.12 0.92 1.67
N SER D 17 -17.14 1.64 1.18
CA SER D 17 -15.96 1.02 0.61
C SER D 17 -14.76 1.72 1.24
N ARG D 18 -13.59 1.08 1.22
CA ARG D 18 -12.44 1.68 1.83
C ARG D 18 -11.15 1.36 1.15
N ALA D 19 -10.14 2.15 1.49
CA ALA D 19 -8.78 2.05 0.95
C ALA D 19 -7.77 2.10 2.06
N PHE D 20 -6.69 1.35 1.89
CA PHE D 20 -5.45 1.48 2.69
C PHE D 20 -4.33 2.01 1.80
N LEU D 21 -3.67 3.05 2.28
CA LEU D 21 -2.74 3.79 1.48
C LEU D 21 -2.09 4.84 2.40
N THR D 22 -0.99 5.42 1.96
CA THR D 22 -0.37 6.46 2.72
C THR D 22 -0.29 7.61 1.74
N LEU D 23 -0.85 8.74 2.10
CA LEU D 23 -0.71 9.94 1.31
C LEU D 23 -0.19 11.09 2.11
N ASP D 24 0.56 11.95 1.42
CA ASP D 24 0.85 13.23 1.97
C ASP D 24 -0.41 14.11 1.72
N LEU D 25 -1.04 14.52 2.80
CA LEU D 25 -2.33 15.17 2.73
C LEU D 25 -2.22 16.48 1.97
N HIS D 26 -1.18 17.27 2.26
CA HIS D 26 -1.08 18.62 1.69
C HIS D 26 -0.70 18.63 0.22
N ALA D 27 -0.08 17.55 -0.23
CA ALA D 27 0.24 17.44 -1.65
C ALA D 27 -1.02 17.26 -2.45
N PHE D 28 -2.02 16.59 -1.85
CA PHE D 28 -3.31 16.30 -2.53
C PHE D 28 -4.49 17.20 -2.21
N PHE D 29 -4.58 17.71 -0.98
CA PHE D 29 -5.68 18.65 -0.71
C PHE D 29 -5.19 19.93 -0.07
N ASN D 30 -6.07 20.92 -0.17
CA ASN D 30 -6.08 22.07 0.73
C ASN D 30 -7.08 21.78 1.83
N VAL D 31 -6.73 22.21 3.03
CA VAL D 31 -7.55 21.97 4.20
C VAL D 31 -8.15 23.26 4.61
N ASN D 32 -9.45 23.25 4.86
CA ASN D 32 -10.11 24.27 5.71
C ASN D 32 -10.38 23.76 7.13
N LYS D 33 -9.74 24.40 8.10
CA LYS D 33 -9.90 24.02 9.49
C LYS D 33 -11.31 24.38 9.87
N GLU D 34 -12.01 23.46 10.52
CA GLU D 34 -13.34 23.73 11.05
C GLU D 34 -13.20 23.92 12.55
N VAL D 35 -14.02 24.78 13.13
CA VAL D 35 -13.94 25.12 14.54
C VAL D 35 -14.42 23.98 15.41
N GLY D 36 -14.09 24.05 16.69
CA GLY D 36 -14.41 23.01 17.65
C GLY D 36 -15.66 23.35 18.41
N ASP D 37 -16.80 23.27 17.72
CA ASP D 37 -18.10 23.55 18.33
C ASP D 37 -19.07 22.36 18.25
N GLY D 38 -18.55 21.16 18.07
CA GLY D 38 -19.36 19.95 17.84
C GLY D 38 -20.03 19.70 16.49
N ASN D 39 -19.98 20.67 15.59
CA ASN D 39 -20.74 20.65 14.35
C ASN D 39 -19.87 20.46 13.11
N CYS D 40 -18.59 20.24 13.33
CA CYS D 40 -17.65 20.17 12.21
C CYS D 40 -18.12 19.28 11.04
N PHE D 41 -18.75 18.17 11.35
CA PHE D 41 -19.22 17.27 10.30
C PHE D 41 -20.18 18.01 9.40
N TYR D 42 -21.13 18.70 10.03
CA TYR D 42 -22.19 19.44 9.34
C TYR D 42 -21.67 20.76 8.75
N ARG D 43 -20.73 21.41 9.41
CA ARG D 43 -20.09 22.58 8.81
C ARG D 43 -19.36 22.22 7.51
N ALA D 44 -18.72 21.06 7.51
CA ALA D 44 -17.98 20.58 6.34
C ALA D 44 -18.86 20.20 5.17
N LEU D 45 -19.98 19.52 5.42
CA LEU D 45 -20.92 19.25 4.34
C LEU D 45 -21.46 20.55 3.77
N SER D 46 -21.80 21.52 4.62
CA SER D 46 -22.35 22.79 4.15
C SER D 46 -21.35 23.51 3.28
N ARG D 47 -20.09 23.43 3.69
CA ARG D 47 -19.04 24.18 3.03
C ARG D 47 -18.71 23.56 1.72
N LEU D 48 -18.81 22.22 1.67
CA LEU D 48 -18.45 21.49 0.48
C LEU D 48 -19.57 21.41 -0.53
N HIS D 49 -20.78 21.78 -0.16
CA HIS D 49 -21.92 21.61 -1.10
C HIS D 49 -22.01 22.68 -2.16
N SER D 50 -21.30 23.78 -1.98
CA SER D 50 -21.27 24.78 -3.02
C SER D 50 -19.97 25.52 -3.06
N GLU D 51 -19.76 26.15 -4.21
CA GLU D 51 -18.62 26.99 -4.50
C GLU D 51 -18.45 28.18 -3.56
N SER D 52 -19.50 28.55 -2.83
CA SER D 52 -19.43 29.64 -1.86
C SER D 52 -18.55 29.32 -0.67
N ARG D 53 -18.35 28.03 -0.43
CA ARG D 53 -17.48 27.52 0.62
C ARG D 53 -17.71 28.14 1.99
N THR D 54 -18.96 28.07 2.41
CA THR D 54 -19.32 28.51 3.73
C THR D 54 -20.00 27.38 4.50
N SER D 55 -19.82 27.43 5.82
CA SER D 55 -20.25 26.39 6.73
C SER D 55 -21.52 26.79 7.38
N ASN D 56 -22.12 27.90 6.97
CA ASN D 56 -23.26 28.48 7.73
C ASN D 56 -24.58 27.77 7.51
N GLU D 57 -24.57 26.72 6.70
CA GLU D 57 -25.72 25.90 6.48
C GLU D 57 -25.71 24.73 7.43
N HIS D 58 -24.72 24.63 8.29
CA HIS D 58 -24.56 23.45 9.14
C HIS D 58 -25.79 23.06 9.91
N LEU D 59 -26.62 24.01 10.33
CA LEU D 59 -27.86 23.65 11.12
C LEU D 59 -28.84 22.90 10.22
N TYR D 60 -28.94 23.35 8.98
CA TYR D 60 -29.82 22.75 7.99
C TYR D 60 -29.45 21.31 7.75
N TYR D 61 -28.15 21.06 7.51
CA TYR D 61 -27.63 19.68 7.30
C TYR D 61 -27.93 18.79 8.48
N ARG D 62 -27.72 19.28 9.67
CA ARG D 62 -28.10 18.49 10.83
C ARG D 62 -29.62 18.23 10.90
N LEU D 63 -30.42 19.20 10.46
CA LEU D 63 -31.88 19.02 10.49
C LEU D 63 -32.38 17.98 9.45
N LEU D 64 -31.51 17.50 8.59
CA LEU D 64 -31.84 16.36 7.71
C LEU D 64 -31.96 15.03 8.45
N ILE D 65 -31.39 14.90 9.63
CA ILE D 65 -31.24 13.60 10.25
C ILE D 65 -32.55 12.88 10.60
N PRO D 66 -33.57 13.59 11.14
CA PRO D 66 -34.78 12.81 11.38
C PRO D 66 -35.30 12.14 10.11
N ASP D 67 -35.40 12.87 9.00
CA ASP D 67 -35.93 12.26 7.77
C ASP D 67 -35.05 11.13 7.20
N ALA D 68 -33.75 11.30 7.30
CA ALA D 68 -32.84 10.27 6.85
C ALA D 68 -32.99 9.03 7.73
N VAL D 69 -33.09 9.23 9.05
CA VAL D 69 -33.40 8.14 9.97
C VAL D 69 -34.69 7.36 9.60
N ASP D 70 -35.77 8.10 9.34
CA ASP D 70 -37.06 7.46 9.02
C ASP D 70 -36.86 6.51 7.84
N LYS D 71 -36.02 6.94 6.92
CA LYS D 71 -35.79 6.18 5.74
C LYS D 71 -34.78 5.03 5.88
N TYR D 72 -33.69 5.23 6.62
CA TYR D 72 -32.52 4.32 6.56
C TYR D 72 -32.10 3.64 7.87
N PHE D 73 -32.47 4.18 9.01
CA PHE D 73 -31.79 3.77 10.23
C PHE D 73 -32.01 2.28 10.49
N ASP D 74 -33.19 1.80 10.14
CA ASP D 74 -33.51 0.39 10.32
C ASP D 74 -32.58 -0.51 9.54
N ILE D 75 -32.01 -0.04 8.43
CA ILE D 75 -31.16 -0.88 7.62
C ILE D 75 -29.63 -0.51 7.63
N GLU D 76 -29.24 0.43 8.52
CA GLU D 76 -27.86 0.97 8.58
C GLU D 76 -26.95 0.01 9.37
N PRO D 77 -25.98 -0.60 8.70
CA PRO D 77 -25.09 -1.59 9.32
C PRO D 77 -24.48 -1.12 10.63
N GLU D 78 -23.99 0.13 10.64
CA GLU D 78 -23.46 0.67 11.87
C GLU D 78 -24.47 0.69 13.03
N ALA D 79 -25.69 1.12 12.75
CA ALA D 79 -26.74 1.16 13.77
C ALA D 79 -27.16 -0.27 14.20
N ILE D 80 -27.19 -1.17 13.24
CA ILE D 80 -27.48 -2.56 13.54
C ILE D 80 -26.32 -3.09 14.41
N GLY D 81 -25.10 -2.97 13.93
CA GLY D 81 -23.99 -3.48 14.69
C GLY D 81 -23.87 -2.97 16.12
N LEU D 82 -24.03 -1.67 16.32
CA LEU D 82 -23.89 -1.05 17.66
C LEU D 82 -25.13 -1.24 18.54
N GLY D 83 -26.19 -1.74 17.91
CA GLY D 83 -27.42 -2.03 18.59
C GLY D 83 -28.04 -0.76 19.12
N LEU D 84 -28.00 0.30 18.34
CA LEU D 84 -28.52 1.59 18.78
C LEU D 84 -30.02 1.67 18.78
N ASN D 85 -30.54 2.32 19.80
CA ASN D 85 -31.96 2.59 19.89
C ASN D 85 -32.26 3.80 19.03
N LYS D 86 -33.17 3.62 18.08
CA LYS D 86 -33.61 4.68 17.15
C LYS D 86 -33.99 6.03 17.80
N GLN D 87 -34.97 6.01 18.67
CA GLN D 87 -35.47 7.21 19.33
C GLN D 87 -34.36 7.87 20.15
N GLU D 88 -33.62 7.07 20.87
CA GLU D 88 -32.45 7.60 21.58
C GLU D 88 -31.45 8.33 20.69
N TYR D 89 -31.16 7.77 19.52
CA TYR D 89 -30.21 8.37 18.59
C TYR D 89 -30.74 9.65 17.97
N VAL D 90 -31.98 9.65 17.42
CA VAL D 90 -32.51 10.86 16.70
C VAL D 90 -32.61 12.14 17.53
N SER D 91 -32.99 11.98 18.78
CA SER D 91 -33.15 13.10 19.69
C SER D 91 -31.80 13.71 20.13
N LYS D 92 -30.80 12.87 20.40
CA LYS D 92 -29.43 13.34 20.56
C LYS D 92 -28.91 13.95 19.27
N ALA D 93 -28.98 13.21 18.19
CA ALA D 93 -28.29 13.62 16.96
C ALA D 93 -28.62 15.04 16.51
N ILE D 94 -29.83 15.51 16.76
CA ILE D 94 -30.23 16.84 16.31
C ILE D 94 -29.80 18.01 17.23
N LEU D 95 -29.16 17.76 18.37
CA LEU D 95 -28.79 18.86 19.27
C LEU D 95 -27.58 19.57 18.74
N ASP D 96 -27.45 20.85 19.08
CA ASP D 96 -26.26 21.59 18.72
C ASP D 96 -25.05 20.91 19.39
N GLY D 97 -23.97 20.83 18.65
CA GLY D 97 -22.73 20.33 19.22
C GLY D 97 -22.66 18.82 19.40
N GLU D 98 -23.59 18.07 18.85
CA GLU D 98 -23.50 16.63 19.04
C GLU D 98 -22.65 16.02 17.89
N TRP D 99 -21.72 15.15 18.24
CA TRP D 99 -20.76 14.66 17.26
C TRP D 99 -21.39 13.72 16.25
N ALA D 100 -20.83 13.73 15.05
CA ALA D 100 -21.28 12.80 14.04
C ALA D 100 -20.11 12.37 13.20
N GLY D 101 -20.37 11.40 12.32
CA GLY D 101 -19.38 10.89 11.38
C GLY D 101 -19.88 9.74 10.51
N SER D 102 -19.40 8.56 10.83
CA SER D 102 -19.72 7.37 10.08
C SER D 102 -21.19 7.15 9.77
N LEU D 103 -22.02 7.09 10.79
CA LEU D 103 -23.40 6.68 10.62
C LEU D 103 -24.13 7.73 9.79
N GLU D 104 -23.85 9.00 10.06
CA GLU D 104 -24.45 10.08 9.31
C GLU D 104 -23.90 10.24 7.88
N ALA D 105 -22.67 9.81 7.66
CA ALA D 105 -22.11 9.77 6.33
C ALA D 105 -22.86 8.70 5.50
N SER D 106 -23.03 7.52 6.09
CA SER D 106 -23.77 6.48 5.43
C SER D 106 -25.20 6.96 5.10
N MET D 107 -25.92 7.52 6.06
CA MET D 107 -27.31 7.94 5.81
C MET D 107 -27.51 9.08 4.80
N LEU D 108 -26.70 10.13 4.94
CA LEU D 108 -26.81 11.36 4.11
C LEU D 108 -26.22 11.20 2.72
N SER D 109 -25.17 10.39 2.60
CA SER D 109 -24.71 10.01 1.28
C SER D 109 -25.91 9.54 0.47
N LYS D 110 -26.65 8.58 0.99
CA LYS D 110 -27.82 8.06 0.30
C LYS D 110 -28.92 9.09 0.19
N PHE D 111 -29.18 9.83 1.28
CA PHE D 111 -30.33 10.69 1.35
C PHE D 111 -30.23 11.80 0.33
N LEU D 112 -29.03 12.32 0.13
CA LEU D 112 -28.81 13.43 -0.80
C LEU D 112 -28.25 12.98 -2.13
N ASP D 113 -28.03 11.67 -2.31
CA ASP D 113 -27.43 11.13 -3.52
C ASP D 113 -26.05 11.83 -3.73
N ILE D 114 -25.17 11.69 -2.73
CA ILE D 114 -23.78 12.19 -2.83
C ILE D 114 -22.81 11.13 -2.33
N THR D 115 -21.51 11.41 -2.52
CA THR D 115 -20.44 10.56 -2.04
C THR D 115 -19.61 11.31 -1.02
N ILE D 116 -19.46 10.71 0.14
CA ILE D 116 -18.71 11.33 1.25
C ILE D 116 -17.51 10.42 1.55
N ILE D 117 -16.34 11.01 1.65
CA ILE D 117 -15.15 10.27 2.00
C ILE D 117 -14.58 10.87 3.27
N ILE D 118 -14.25 9.98 4.18
CA ILE D 118 -13.63 10.37 5.42
C ILE D 118 -12.23 9.79 5.33
N TRP D 119 -11.26 10.69 5.26
CA TRP D 119 -9.87 10.31 5.14
C TRP D 119 -9.24 10.37 6.52
N ILE D 120 -8.73 9.23 6.97
CA ILE D 120 -8.15 9.09 8.29
C ILE D 120 -6.68 9.45 8.11
N VAL D 121 -6.23 10.37 8.95
CA VAL D 121 -4.88 10.93 8.96
C VAL D 121 -4.28 10.53 10.33
N ASP D 122 -3.00 10.09 10.35
CA ASP D 122 -2.34 9.65 11.59
C ASP D 122 -1.77 10.83 12.35
N ASP D 123 -1.13 10.56 13.50
CA ASP D 123 -0.51 11.61 14.37
C ASP D 123 0.29 12.67 13.62
N SER D 124 1.04 12.23 12.62
CA SER D 124 1.99 13.07 11.93
C SER D 124 1.41 13.66 10.65
N GLY D 125 0.09 13.66 10.53
CA GLY D 125 -0.52 14.30 9.36
C GLY D 125 -0.55 13.49 8.08
N THR D 126 -0.29 12.19 8.16
CA THR D 126 -0.31 11.35 6.96
C THR D 126 -1.62 10.58 6.85
N ILE D 127 -2.22 10.59 5.66
CA ILE D 127 -3.46 9.82 5.42
C ILE D 127 -3.08 8.37 5.40
N ILE D 128 -3.76 7.57 6.25
CA ILE D 128 -3.51 6.12 6.35
C ILE D 128 -4.65 5.17 5.90
N SER D 129 -5.88 5.68 5.80
CA SER D 129 -7.02 4.90 5.30
C SER D 129 -8.11 5.87 4.94
N ALA D 130 -9.16 5.39 4.29
CA ALA D 130 -10.29 6.24 4.00
C ALA D 130 -11.55 5.45 3.97
N ASN D 131 -12.66 6.09 4.31
CA ASN D 131 -13.95 5.48 4.17
C ASN D 131 -14.78 6.23 3.17
N ARG D 132 -15.14 5.55 2.10
CA ARG D 132 -16.00 6.13 1.13
C ARG D 132 -17.42 5.60 1.31
N TYR D 133 -18.35 6.53 1.36
CA TYR D 133 -19.75 6.24 1.43
C TYR D 133 -20.35 6.77 0.16
N GLY D 134 -20.78 5.87 -0.73
CA GLY D 134 -21.29 6.26 -2.03
C GLY D 134 -20.38 5.74 -3.12
N GLU D 135 -20.76 6.03 -4.35
CA GLU D 135 -20.22 5.34 -5.49
C GLU D 135 -19.41 6.24 -6.38
N GLY D 136 -19.29 7.51 -5.98
CA GLY D 136 -18.62 8.50 -6.78
C GLY D 136 -17.14 8.43 -6.54
N ARG D 137 -16.36 9.13 -7.35
N ARG D 137 -16.39 9.14 -7.39
CA ARG D 137 -14.92 9.16 -7.13
CA ARG D 137 -14.93 9.27 -7.28
C ARG D 137 -14.54 10.43 -6.40
C ARG D 137 -14.61 10.39 -6.28
N PRO D 138 -13.37 10.40 -5.75
CA PRO D 138 -12.91 11.50 -4.89
C PRO D 138 -13.08 12.89 -5.50
N SER D 139 -12.80 13.01 -6.79
CA SER D 139 -12.92 14.30 -7.47
C SER D 139 -14.27 14.96 -7.29
N GLN D 140 -15.30 14.12 -7.23
CA GLN D 140 -16.68 14.58 -7.14
CA GLN D 140 -16.71 14.51 -7.15
C GLN D 140 -17.23 14.53 -5.71
N ALA D 141 -16.46 14.07 -4.75
CA ALA D 141 -17.04 13.75 -3.45
C ALA D 141 -16.89 14.82 -2.38
N TYR D 142 -17.65 14.71 -1.31
CA TYR D 142 -17.45 15.59 -0.15
C TYR D 142 -16.35 14.93 0.67
N ASN D 143 -15.14 15.45 0.60
CA ASN D 143 -13.98 14.88 1.30
C ASN D 143 -13.72 15.51 2.65
N LEU D 144 -13.58 14.68 3.67
CA LEU D 144 -13.31 15.18 5.02
C LEU D 144 -12.06 14.52 5.56
N CYS D 145 -11.39 15.26 6.44
CA CYS D 145 -10.20 14.84 7.12
C CYS D 145 -10.55 14.61 8.58
N MET D 146 -10.28 13.41 9.10
CA MET D 146 -10.58 13.12 10.48
C MET D 146 -9.32 13.16 11.35
N VAL D 147 -9.39 13.93 12.42
CA VAL D 147 -8.19 14.29 13.19
C VAL D 147 -8.31 13.84 14.65
N GLY D 148 -7.34 13.05 15.09
CA GLY D 148 -7.33 12.56 16.45
C GLY D 148 -8.58 11.79 16.84
N ASN D 149 -9.22 11.13 15.85
CA ASN D 149 -10.50 10.38 16.06
C ASN D 149 -11.55 11.22 16.79
N ALA D 150 -11.55 12.52 16.55
CA ALA D 150 -12.40 13.45 17.30
C ALA D 150 -12.91 14.68 16.56
N HIS D 151 -12.48 14.89 15.31
CA HIS D 151 -12.72 16.14 14.62
C HIS D 151 -12.59 15.92 13.11
N PHE D 152 -13.35 16.73 12.34
CA PHE D 152 -13.26 16.80 10.89
C PHE D 152 -12.99 18.22 10.41
N ASP D 153 -12.02 18.33 9.49
CA ASP D 153 -11.80 19.51 8.69
C ASP D 153 -12.14 19.18 7.25
N SER D 154 -12.39 20.22 6.45
CA SER D 154 -12.83 20.05 5.07
C SER D 154 -11.64 19.94 4.15
N LEU D 155 -11.79 19.16 3.09
CA LEU D 155 -10.70 19.05 2.12
C LEU D 155 -11.15 19.50 0.74
N TYR D 156 -10.35 20.34 0.08
CA TYR D 156 -10.54 20.56 -1.36
C TYR D 156 -9.39 19.95 -2.11
N ILE D 157 -9.69 19.04 -3.02
CA ILE D 157 -8.75 18.70 -4.09
C ILE D 157 -8.58 20.02 -4.83
N ARG D 158 -7.38 20.45 -5.23
CA ARG D 158 -6.23 19.63 -5.57
C ARG D 158 -5.13 19.87 -4.54
#